data_5K5I
#
_entry.id   5K5I
#
_cell.length_a   45.075
_cell.length_b   45.075
_cell.length_c   260.450
_cell.angle_alpha   90.00
_cell.angle_beta   90.00
_cell.angle_gamma   120.00
#
_symmetry.space_group_name_H-M   'P 65'
#
loop_
_entity.id
_entity.type
_entity.pdbx_description
1 polymer 'Transcriptional repressor CTCF'
2 polymer "DNA (5'-D(*CP*CP*CP*TP*GP*CP*TP*GP*GP*CP*AP*CP*C)-3')"
3 polymer "DNA (5'-D(*GP*TP*GP*CP*CP*AP*GP*CP*AP*GP*GP*GP*G)-3')"
4 non-polymer 'ZINC ION'
5 non-polymer 'SULFATE ION'
6 water water
#
loop_
_entity_poly.entity_id
_entity_poly.type
_entity_poly.pdbx_seq_one_letter_code
_entity_poly.pdbx_strand_id
1 'polypeptide(L)'
;GPLGSPFQCSLCSYASRDTYKLKRHMRTHSGEKPYECYICHARFTQSGTMKMHILQKHTENVAKFHCPHCDTVIARKSDL
GVHLRKQHSYIEQGKKCRYCDAVFHERYALIQHQKSH
;
A
2 'polydeoxyribonucleotide' (DC)(DC)(DC)(DT)(DG)(DC)(DT)(DG)(DG)(DC)(DA)(DC)(DC) B
3 'polydeoxyribonucleotide' (DG)(DT)(DG)(DC)(DC)(DA)(DG)(DC)(DA)(DG)(DG)(DG)(DG) C
#
loop_
_chem_comp.id
_chem_comp.type
_chem_comp.name
_chem_comp.formula
DA DNA linking 2'-DEOXYADENOSINE-5'-MONOPHOSPHATE 'C10 H14 N5 O6 P'
DC DNA linking 2'-DEOXYCYTIDINE-5'-MONOPHOSPHATE 'C9 H14 N3 O7 P'
DG DNA linking 2'-DEOXYGUANOSINE-5'-MONOPHOSPHATE 'C10 H14 N5 O7 P'
DT DNA linking THYMIDINE-5'-MONOPHOSPHATE 'C10 H15 N2 O8 P'
SO4 non-polymer 'SULFATE ION' 'O4 S -2'
ZN non-polymer 'ZINC ION' 'Zn 2'
#
# COMPACT_ATOMS: atom_id res chain seq x y z
N SER A 5 22.90 -15.50 -7.65
CA SER A 5 23.03 -14.34 -6.79
C SER A 5 24.32 -14.40 -5.98
N PRO A 6 25.45 -14.00 -6.60
CA PRO A 6 26.73 -14.04 -5.90
C PRO A 6 26.94 -12.86 -4.97
N PHE A 7 26.40 -11.69 -5.33
CA PHE A 7 26.53 -10.50 -4.51
C PHE A 7 25.79 -10.69 -3.19
N GLN A 8 26.53 -10.79 -2.10
CA GLN A 8 25.97 -11.05 -0.77
C GLN A 8 26.10 -9.82 0.10
N CYS A 9 25.03 -9.52 0.84
CA CYS A 9 25.07 -8.39 1.78
C CYS A 9 25.91 -8.74 3.00
N SER A 10 26.53 -7.71 3.58
CA SER A 10 27.43 -7.92 4.71
C SER A 10 26.68 -7.96 6.04
N LEU A 11 25.60 -7.19 6.17
CA LEU A 11 24.90 -7.05 7.44
C LEU A 11 23.64 -7.88 7.54
N CYS A 12 23.22 -8.55 6.47
CA CYS A 12 22.03 -9.38 6.51
C CYS A 12 22.18 -10.48 5.46
N SER A 13 21.08 -11.22 5.23
CA SER A 13 21.09 -12.38 4.35
C SER A 13 20.67 -12.06 2.92
N TYR A 14 20.41 -10.80 2.60
CA TYR A 14 19.95 -10.46 1.25
C TYR A 14 21.06 -10.68 0.23
N ALA A 15 20.67 -11.18 -0.94
CA ALA A 15 21.62 -11.43 -2.02
C ALA A 15 20.92 -11.18 -3.35
N SER A 16 21.70 -10.79 -4.35
CA SER A 16 21.15 -10.49 -5.66
C SER A 16 22.22 -10.76 -6.72
N ARG A 17 21.77 -10.83 -7.97
CA ARG A 17 22.66 -11.04 -9.10
C ARG A 17 23.19 -9.73 -9.68
N ASP A 18 22.61 -8.59 -9.31
CA ASP A 18 22.97 -7.30 -9.86
C ASP A 18 23.58 -6.43 -8.77
N THR A 19 24.56 -5.61 -9.15
CA THR A 19 25.19 -4.70 -8.18
C THR A 19 24.25 -3.57 -7.80
N TYR A 20 23.41 -3.11 -8.74
CA TYR A 20 22.46 -2.05 -8.44
C TYR A 20 21.48 -2.48 -7.35
N LYS A 21 21.05 -3.73 -7.39
CA LYS A 21 20.08 -4.20 -6.40
C LYS A 21 20.67 -4.21 -5.00
N LEU A 22 21.95 -4.55 -4.86
CA LEU A 22 22.59 -4.53 -3.55
C LEU A 22 22.91 -3.11 -3.10
N LYS A 23 23.35 -2.25 -4.04
CA LYS A 23 23.54 -0.84 -3.70
C LYS A 23 22.25 -0.22 -3.19
N ARG A 24 21.11 -0.60 -3.79
CA ARG A 24 19.82 -0.08 -3.33
C ARG A 24 19.45 -0.69 -1.98
N HIS A 25 19.75 -1.98 -1.78
CA HIS A 25 19.43 -2.63 -0.51
C HIS A 25 20.25 -2.08 0.64
N MET A 26 21.49 -1.65 0.38
CA MET A 26 22.35 -1.14 1.44
C MET A 26 21.80 0.14 2.07
N ARG A 27 20.91 0.85 1.38
CA ARG A 27 20.31 2.05 1.96
C ARG A 27 19.44 1.73 3.16
N THR A 28 18.94 0.49 3.27
CA THR A 28 18.14 0.12 4.42
C THR A 28 18.97 0.08 5.70
N HIS A 29 20.25 -0.29 5.59
CA HIS A 29 21.15 -0.33 6.73
C HIS A 29 21.80 1.02 7.01
N SER A 30 22.28 1.71 5.97
CA SER A 30 22.94 2.98 6.15
C SER A 30 21.98 4.13 6.42
N GLY A 31 20.70 3.95 6.11
CA GLY A 31 19.75 5.04 6.27
C GLY A 31 19.93 6.19 5.32
N GLU A 32 20.59 5.96 4.18
CA GLU A 32 20.85 7.01 3.22
C GLU A 32 19.59 7.32 2.42
N LYS A 33 19.34 8.61 2.21
CA LYS A 33 18.18 9.09 1.45
C LYS A 33 18.68 10.12 0.43
N PRO A 34 19.14 9.65 -0.74
CA PRO A 34 19.77 10.57 -1.69
C PRO A 34 18.80 11.39 -2.53
N TYR A 35 17.50 11.10 -2.48
CA TYR A 35 16.52 11.79 -3.29
C TYR A 35 15.73 12.77 -2.44
N GLU A 36 15.55 13.99 -2.96
CA GLU A 36 14.89 15.07 -2.23
C GLU A 36 13.82 15.70 -3.09
N CYS A 37 12.65 15.92 -2.51
CA CYS A 37 11.57 16.61 -3.21
C CYS A 37 11.89 18.09 -3.31
N TYR A 38 11.87 18.63 -4.53
CA TYR A 38 12.27 20.01 -4.74
C TYR A 38 11.25 21.03 -4.22
N ILE A 39 10.18 20.64 -3.54
CA ILE A 39 9.15 21.56 -3.08
C ILE A 39 9.14 21.67 -1.55
N CYS A 40 9.13 20.53 -0.86
CA CYS A 40 9.17 20.52 0.60
C CYS A 40 10.48 19.97 1.15
N HIS A 41 11.44 19.66 0.28
CA HIS A 41 12.75 19.14 0.69
C HIS A 41 12.60 17.91 1.58
N ALA A 42 11.67 17.03 1.22
CA ALA A 42 11.50 15.75 1.89
C ALA A 42 12.41 14.72 1.24
N ARG A 43 12.94 13.81 2.05
CA ARG A 43 13.94 12.85 1.62
C ARG A 43 13.34 11.45 1.49
N PHE A 44 13.87 10.69 0.53
CA PHE A 44 13.36 9.35 0.24
C PHE A 44 14.52 8.44 -0.11
N THR A 45 14.32 7.14 0.09
CA THR A 45 15.36 6.16 -0.20
C THR A 45 15.44 5.80 -1.67
N GLN A 46 14.34 5.93 -2.41
CA GLN A 46 14.30 5.59 -3.82
C GLN A 46 13.63 6.71 -4.61
N SER A 47 13.99 6.79 -5.90
CA SER A 47 13.44 7.85 -6.74
C SER A 47 11.98 7.61 -7.08
N GLY A 48 11.60 6.36 -7.34
CA GLY A 48 10.21 6.06 -7.62
C GLY A 48 9.29 6.43 -6.47
N THR A 49 9.76 6.28 -5.24
CA THR A 49 8.98 6.71 -4.09
C THR A 49 8.81 8.22 -4.07
N MET A 50 9.82 8.97 -4.53
CA MET A 50 9.72 10.42 -4.58
C MET A 50 8.71 10.86 -5.62
N LYS A 51 8.68 10.18 -6.77
CA LYS A 51 7.71 10.54 -7.81
C LYS A 51 6.28 10.34 -7.33
N MET A 52 6.03 9.29 -6.55
CA MET A 52 4.71 9.09 -5.98
C MET A 52 4.36 10.18 -4.98
N HIS A 53 5.37 10.67 -4.24
CA HIS A 53 5.14 11.74 -3.28
C HIS A 53 4.74 13.03 -3.98
N ILE A 54 5.48 13.42 -5.02
CA ILE A 54 5.16 14.65 -5.75
C ILE A 54 3.80 14.55 -6.40
N LEU A 55 3.44 13.36 -6.88
CA LEU A 55 2.15 13.19 -7.55
C LEU A 55 1.00 13.31 -6.57
N GLN A 56 1.11 12.67 -5.40
CA GLN A 56 -0.02 12.58 -4.49
C GLN A 56 -0.27 13.86 -3.68
N LYS A 57 0.74 14.71 -3.54
CA LYS A 57 0.61 15.91 -2.70
C LYS A 57 0.77 17.19 -3.49
N HIS A 58 1.79 17.30 -4.33
CA HIS A 58 2.12 18.55 -5.00
C HIS A 58 1.51 18.67 -6.41
N THR A 59 1.16 17.57 -7.04
CA THR A 59 0.59 17.60 -8.38
C THR A 59 -0.92 17.78 -8.30
N GLU A 60 -1.44 18.67 -9.14
CA GLU A 60 -2.87 18.94 -9.20
C GLU A 60 -3.53 18.05 -10.25
N ASN A 61 -4.85 17.89 -10.10
CA ASN A 61 -5.66 17.10 -11.04
C ASN A 61 -5.22 15.64 -11.07
N VAL A 62 -5.14 15.04 -9.89
CA VAL A 62 -4.75 13.64 -9.76
C VAL A 62 -5.97 12.76 -9.98
N ALA A 63 -5.75 11.62 -10.63
CA ALA A 63 -6.82 10.67 -10.94
C ALA A 63 -6.72 9.51 -9.96
N LYS A 64 -7.61 9.49 -8.98
CA LYS A 64 -7.64 8.41 -8.00
C LYS A 64 -8.32 7.19 -8.57
N PHE A 65 -8.48 6.15 -7.75
CA PHE A 65 -9.02 4.87 -8.19
C PHE A 65 -10.29 4.55 -7.41
N HIS A 66 -11.37 4.28 -8.14
CA HIS A 66 -12.65 3.96 -7.52
C HIS A 66 -12.83 2.46 -7.44
N CYS A 67 -13.34 1.99 -6.30
CA CYS A 67 -13.53 0.57 -6.10
C CYS A 67 -14.75 0.08 -6.90
N PRO A 68 -14.66 -1.11 -7.51
CA PRO A 68 -15.80 -1.62 -8.28
C PRO A 68 -16.92 -2.22 -7.45
N HIS A 69 -16.65 -2.65 -6.22
CA HIS A 69 -17.66 -3.31 -5.40
C HIS A 69 -18.27 -2.40 -4.35
N CYS A 70 -17.80 -1.16 -4.23
CA CYS A 70 -18.40 -0.19 -3.31
C CYS A 70 -18.10 1.21 -3.84
N ASP A 71 -18.34 2.21 -2.99
CA ASP A 71 -18.17 3.60 -3.36
C ASP A 71 -16.88 4.23 -2.84
N THR A 72 -15.99 3.45 -2.25
CA THR A 72 -14.76 3.99 -1.69
C THR A 72 -13.80 4.40 -2.80
N VAL A 73 -13.23 5.59 -2.67
CA VAL A 73 -12.21 6.09 -3.60
C VAL A 73 -10.87 6.04 -2.88
N ILE A 74 -9.83 5.62 -3.61
CA ILE A 74 -8.50 5.43 -3.06
C ILE A 74 -7.48 6.06 -3.99
N ALA A 75 -6.45 6.68 -3.42
CA ALA A 75 -5.49 7.44 -4.21
C ALA A 75 -4.54 6.53 -4.99
N ARG A 76 -4.04 5.46 -4.36
CA ARG A 76 -3.05 4.59 -4.97
C ARG A 76 -3.68 3.28 -5.39
N LYS A 77 -3.29 2.80 -6.58
CA LYS A 77 -3.86 1.56 -7.10
C LYS A 77 -3.48 0.38 -6.22
N SER A 78 -2.26 0.38 -5.67
CA SER A 78 -1.84 -0.71 -4.80
C SER A 78 -2.67 -0.74 -3.51
N ASP A 79 -3.02 0.43 -2.99
CA ASP A 79 -3.88 0.48 -1.80
C ASP A 79 -5.30 0.01 -2.12
N LEU A 80 -5.74 0.16 -3.38
CA LEU A 80 -7.01 -0.39 -3.79
C LEU A 80 -6.96 -1.92 -3.77
N GLY A 81 -5.81 -2.50 -4.13
CA GLY A 81 -5.66 -3.93 -4.01
C GLY A 81 -5.79 -4.42 -2.58
N VAL A 82 -5.20 -3.69 -1.64
CA VAL A 82 -5.38 -4.00 -0.22
C VAL A 82 -6.85 -3.93 0.15
N HIS A 83 -7.56 -2.93 -0.37
CA HIS A 83 -8.98 -2.78 -0.07
C HIS A 83 -9.78 -3.96 -0.60
N LEU A 84 -9.53 -4.33 -1.86
CA LEU A 84 -10.26 -5.45 -2.47
C LEU A 84 -10.00 -6.75 -1.72
N ARG A 85 -8.75 -7.00 -1.34
CA ARG A 85 -8.42 -8.26 -0.67
C ARG A 85 -8.92 -8.28 0.77
N LYS A 86 -8.95 -7.13 1.43
CA LYS A 86 -9.35 -7.07 2.84
C LYS A 86 -10.87 -6.94 3.01
N GLN A 87 -11.51 -6.12 2.18
CA GLN A 87 -12.92 -5.80 2.36
C GLN A 87 -13.86 -6.66 1.53
N HIS A 88 -13.48 -7.00 0.30
CA HIS A 88 -14.39 -7.67 -0.62
C HIS A 88 -14.00 -9.12 -0.91
N SER A 89 -13.05 -9.68 -0.16
CA SER A 89 -12.75 -11.10 -0.31
C SER A 89 -13.90 -11.95 0.20
N TYR A 90 -14.21 -13.02 -0.53
CA TYR A 90 -15.37 -13.83 -0.18
C TYR A 90 -15.08 -14.69 1.04
N ILE A 91 -16.10 -14.81 1.90
CA ILE A 91 -16.04 -15.65 3.09
C ILE A 91 -17.03 -16.78 2.90
N GLU A 92 -16.54 -18.02 2.95
CA GLU A 92 -17.38 -19.17 2.66
C GLU A 92 -18.52 -19.28 3.66
N GLN A 93 -18.19 -19.32 4.96
CA GLN A 93 -19.18 -19.28 6.03
C GLN A 93 -19.12 -17.88 6.63
N GLY A 94 -20.13 -17.07 6.34
CA GLY A 94 -20.10 -15.68 6.74
C GLY A 94 -20.07 -15.50 8.24
N LYS A 95 -19.68 -14.30 8.65
CA LYS A 95 -19.58 -13.94 10.06
C LYS A 95 -20.87 -13.30 10.54
N LYS A 96 -21.32 -13.71 11.72
CA LYS A 96 -22.57 -13.19 12.27
C LYS A 96 -22.39 -11.75 12.75
N CYS A 97 -23.49 -10.99 12.69
CA CYS A 97 -23.46 -9.61 13.16
C CYS A 97 -23.24 -9.58 14.67
N ARG A 98 -22.51 -8.57 15.13
CA ARG A 98 -22.22 -8.44 16.55
C ARG A 98 -23.48 -8.19 17.37
N TYR A 99 -24.49 -7.56 16.77
CA TYR A 99 -25.73 -7.23 17.47
C TYR A 99 -26.85 -8.20 17.14
N CYS A 100 -27.19 -8.33 15.87
CA CYS A 100 -28.29 -9.18 15.44
C CYS A 100 -27.74 -10.49 14.86
N ASP A 101 -28.63 -11.31 14.30
CA ASP A 101 -28.27 -12.60 13.73
C ASP A 101 -27.95 -12.53 12.25
N ALA A 102 -27.86 -11.33 11.66
CA ALA A 102 -27.56 -11.20 10.25
C ALA A 102 -26.16 -11.70 9.95
N VAL A 103 -26.00 -12.32 8.78
CA VAL A 103 -24.74 -12.91 8.35
C VAL A 103 -24.34 -12.29 7.02
N PHE A 104 -23.04 -12.05 6.85
CA PHE A 104 -22.52 -11.44 5.64
C PHE A 104 -21.25 -12.16 5.20
N HIS A 105 -21.10 -12.34 3.89
CA HIS A 105 -19.96 -13.05 3.32
C HIS A 105 -18.87 -12.12 2.83
N GLU A 106 -19.02 -10.81 2.98
CA GLU A 106 -17.99 -9.84 2.66
C GLU A 106 -17.82 -8.90 3.85
N ARG A 107 -16.57 -8.54 4.13
CA ARG A 107 -16.28 -7.75 5.33
C ARG A 107 -16.88 -6.35 5.24
N TYR A 108 -16.83 -5.74 4.05
CA TYR A 108 -17.32 -4.37 3.91
C TYR A 108 -18.82 -4.27 4.21
N ALA A 109 -19.61 -5.22 3.70
CA ALA A 109 -21.04 -5.20 3.96
C ALA A 109 -21.34 -5.50 5.43
N LEU A 110 -20.49 -6.29 6.08
CA LEU A 110 -20.69 -6.58 7.50
C LEU A 110 -20.51 -5.32 8.35
N ILE A 111 -19.46 -4.56 8.09
CA ILE A 111 -19.20 -3.36 8.89
C ILE A 111 -20.26 -2.30 8.61
N GLN A 112 -20.69 -2.16 7.35
CA GLN A 112 -21.69 -1.16 7.01
C GLN A 112 -23.04 -1.46 7.67
N HIS A 113 -23.36 -2.74 7.86
CA HIS A 113 -24.59 -3.09 8.57
C HIS A 113 -24.46 -2.85 10.06
N GLN A 114 -23.30 -3.18 10.64
CA GLN A 114 -23.10 -2.96 12.08
C GLN A 114 -23.15 -1.47 12.41
N LYS A 115 -22.64 -0.62 11.52
CA LYS A 115 -22.73 0.82 11.74
C LYS A 115 -24.16 1.33 11.63
N SER A 116 -25.04 0.58 10.97
CA SER A 116 -26.44 0.98 10.86
C SER A 116 -27.21 0.81 12.16
N HIS A 117 -26.64 0.14 13.15
CA HIS A 117 -27.29 -0.03 14.45
C HIS A 117 -26.98 1.13 15.38
ZN ZN D . 21.43 -6.10 4.07
ZN ZN E . 7.28 17.23 -1.47
ZN ZN F . -14.63 -1.45 -2.10
ZN ZN G . -26.87 -6.23 12.66
S SO4 H . 16.75 4.07 -7.09
O1 SO4 H . 16.80 3.48 -8.41
O2 SO4 H . 16.16 3.14 -6.13
O3 SO4 H . 18.11 4.42 -6.65
O4 SO4 H . 15.95 5.29 -7.13
ZN ZN I . -20.14 -8.78 -2.53
#